data_2XJT
#
_entry.id   2XJT
#
_cell.length_a   46.320
_cell.length_b   62.010
_cell.length_c   106.360
_cell.angle_alpha   90.00
_cell.angle_beta   90.00
_cell.angle_gamma   90.00
#
_symmetry.space_group_name_H-M   'P 21 21 21'
#
loop_
_entity.id
_entity.type
_entity.pdbx_description
1 polymer 'FLOCCULATION PROTEIN FLO5'
2 branched alpha-D-mannopyranose-(1-2)-alpha-D-mannopyranose-(1-2)-beta-D-mannopyranose
3 non-polymer 'CALCIUM ION'
4 non-polymer 'SODIUM ION'
5 non-polymer 'CHLORIDE ION'
6 non-polymer GLYCEROL
7 water water
#
_entity_poly.entity_id   1
_entity_poly.type   'polypeptide(L)'
_entity_poly.pdbx_seq_one_letter_code
;GLVPRGSHMSGATEACLPAGQRKSGMNINFYQYSLKDSSTYSNAAYMAYGYASKTKLGSVGGQTDISIDYNIPCVSSSGT
FPCPQEDSYGNWGCKGMGACSNSQGIAYWSTDLFGFYTTPTNVTLEMTGYFLPPQTGSYTFSFATVDDSAILSVGGSIAF
ECCAQEQPPITSTNFTINGIKPWDGSLPDNITGTVYMYAGYYYPLKVVYSNAVSWGTLPISVELPDGTTVSDNFEGYVYS
FDDDLSQSNCTIPDPSIH
;
_entity_poly.pdbx_strand_id   A
#
# COMPACT_ATOMS: atom_id res chain seq x y z
N GLY A 1 -1.79 -39.47 -4.07
CA GLY A 1 -0.49 -39.48 -4.81
C GLY A 1 0.69 -39.05 -3.97
N LEU A 2 1.89 -39.54 -4.30
CA LEU A 2 3.09 -39.19 -3.52
C LEU A 2 3.32 -37.67 -3.36
N VAL A 3 2.86 -36.90 -4.32
CA VAL A 3 3.06 -35.46 -4.28
C VAL A 3 1.76 -34.72 -4.49
N PRO A 4 1.70 -33.47 -4.02
CA PRO A 4 0.50 -32.69 -4.34
C PRO A 4 0.50 -32.37 -5.84
N ARG A 5 -0.68 -32.18 -6.39
CA ARG A 5 -0.89 -32.03 -7.83
C ARG A 5 -0.57 -30.63 -8.34
N GLY A 6 -0.59 -29.64 -7.43
CA GLY A 6 -0.35 -28.24 -7.81
C GLY A 6 -1.63 -27.50 -8.12
N SER A 7 -1.63 -26.19 -7.89
CA SER A 7 -2.79 -25.36 -8.27
C SER A 7 -3.03 -25.45 -9.77
N HIS A 8 -4.30 -25.48 -10.15
CA HIS A 8 -4.70 -25.64 -11.56
C HIS A 8 -4.19 -24.51 -12.46
N MET A 9 -3.72 -24.88 -13.66
CA MET A 9 -3.26 -23.92 -14.67
C MET A 9 -2.24 -22.92 -14.13
N SER A 10 -1.22 -23.45 -13.44
CA SER A 10 -0.21 -22.65 -12.76
C SER A 10 -0.82 -21.46 -12.00
N GLY A 11 -1.91 -21.73 -11.28
CA GLY A 11 -2.68 -20.69 -10.62
C GLY A 11 -2.06 -20.14 -9.34
N ALA A 12 -1.04 -20.82 -8.80
CA ALA A 12 -0.44 -20.36 -7.54
C ALA A 12 0.27 -19.03 -7.73
N THR A 13 0.19 -18.20 -6.72
CA THR A 13 0.89 -16.92 -6.70
C THR A 13 2.40 -17.18 -6.53
N GLU A 14 3.20 -16.51 -7.35
CA GLU A 14 4.64 -16.63 -7.25
C GLU A 14 5.15 -16.00 -5.94
N ALA A 15 6.10 -16.68 -5.30
CA ALA A 15 6.73 -16.22 -4.08
C ALA A 15 8.25 -16.34 -4.23
N CYS A 16 8.95 -16.08 -3.14
CA CYS A 16 10.39 -15.88 -3.14
CA CYS A 16 10.39 -16.12 -3.20
C CYS A 16 11.04 -16.46 -1.88
N LEU A 17 12.31 -16.84 -1.97
CA LEU A 17 13.10 -17.23 -0.79
C LEU A 17 14.44 -16.46 -0.84
N PRO A 18 14.39 -15.16 -0.53
CA PRO A 18 15.64 -14.39 -0.53
C PRO A 18 16.61 -14.90 0.54
N ALA A 19 17.89 -15.00 0.19
CA ALA A 19 18.90 -15.60 1.06
C ALA A 19 19.68 -14.60 1.88
N GLY A 20 19.46 -13.30 1.64
CA GLY A 20 20.22 -12.24 2.30
C GLY A 20 19.67 -11.86 3.66
N GLN A 21 20.21 -10.77 4.20
CA GLN A 21 19.85 -10.29 5.52
C GLN A 21 18.44 -9.67 5.53
N ARG A 22 17.56 -10.28 6.29
CA ARG A 22 16.20 -9.78 6.40
C ARG A 22 16.14 -8.55 7.31
N LYS A 23 15.34 -7.57 6.90
CA LYS A 23 15.14 -6.31 7.62
CA LYS A 23 15.13 -6.38 7.71
C LYS A 23 13.63 -6.21 7.95
N SER A 24 13.27 -5.80 9.16
CA SER A 24 11.86 -5.65 9.54
C SER A 24 11.26 -4.44 8.83
N GLY A 25 10.07 -4.60 8.29
CA GLY A 25 9.33 -3.48 7.70
C GLY A 25 9.45 -3.29 6.21
N MET A 26 8.69 -2.31 5.76
CA MET A 26 8.60 -1.98 4.36
CA MET A 26 8.53 -1.94 4.36
C MET A 26 9.36 -0.70 4.06
N ASN A 27 9.80 -0.58 2.80
CA ASN A 27 10.35 0.65 2.31
C ASN A 27 9.24 1.53 1.74
N ILE A 28 9.32 2.82 2.03
CA ILE A 28 8.34 3.78 1.50
C ILE A 28 9.09 4.81 0.67
N ASN A 29 8.77 4.89 -0.62
CA ASN A 29 9.30 5.92 -1.51
C ASN A 29 8.17 6.94 -1.73
N PHE A 30 8.57 8.22 -1.82
CA PHE A 30 7.65 9.35 -1.98
C PHE A 30 7.93 10.02 -3.31
N TYR A 31 6.86 10.34 -4.05
CA TYR A 31 6.94 10.96 -5.36
CA TYR A 31 6.93 10.94 -5.36
C TYR A 31 6.00 12.16 -5.46
N GLN A 32 6.39 13.09 -6.32
CA GLN A 32 5.60 14.32 -6.51
C GLN A 32 4.22 14.00 -7.09
N TYR A 33 3.22 14.71 -6.55
CA TYR A 33 1.86 14.65 -7.07
C TYR A 33 1.27 16.04 -6.90
N SER A 34 0.63 16.55 -7.95
CA SER A 34 0.20 17.93 -7.96
C SER A 34 -1.06 18.18 -7.14
N LEU A 35 -1.03 19.23 -6.33
CA LEU A 35 -2.20 19.62 -5.54
C LEU A 35 -3.41 19.83 -6.44
N LYS A 36 -4.49 19.17 -6.09
CA LYS A 36 -5.81 19.26 -6.76
C LYS A 36 -5.84 18.68 -8.17
N ASP A 37 -4.86 17.83 -8.50
CA ASP A 37 -4.89 17.05 -9.74
C ASP A 37 -5.80 15.86 -9.52
N SER A 38 -7.00 15.93 -10.06
CA SER A 38 -7.99 14.88 -9.84
C SER A 38 -8.11 13.91 -11.01
N SER A 39 -7.10 13.89 -11.89
CA SER A 39 -7.11 13.00 -13.03
CA SER A 39 -7.07 13.06 -13.09
C SER A 39 -5.95 12.00 -13.08
N THR A 40 -4.74 12.42 -12.74
CA THR A 40 -3.57 11.56 -12.92
C THR A 40 -3.69 10.22 -12.21
N TYR A 41 -4.21 10.28 -10.99
CA TYR A 41 -4.31 9.09 -10.14
C TYR A 41 -5.45 8.14 -10.52
N SER A 42 -6.19 8.46 -11.59
CA SER A 42 -7.28 7.59 -12.09
C SER A 42 -6.85 6.63 -13.20
N ASN A 43 -5.57 6.70 -13.57
CA ASN A 43 -4.99 5.84 -14.61
CA ASN A 43 -4.99 5.87 -14.61
C ASN A 43 -4.26 4.67 -14.01
N ALA A 44 -4.57 3.45 -14.48
CA ALA A 44 -3.93 2.24 -13.97
C ALA A 44 -2.43 2.22 -14.19
N ALA A 45 -1.99 2.69 -15.36
CA ALA A 45 -0.56 2.74 -15.65
C ALA A 45 0.13 3.67 -14.66
N TYR A 46 -0.49 4.79 -14.31
CA TYR A 46 0.12 5.72 -13.34
C TYR A 46 0.26 5.04 -11.99
N MET A 47 -0.79 4.38 -11.52
CA MET A 47 -0.77 3.76 -10.19
C MET A 47 0.13 2.50 -10.10
N ALA A 48 0.32 1.80 -11.22
CA ALA A 48 1.17 0.62 -11.25
C ALA A 48 2.64 0.97 -11.34
N TYR A 49 2.98 1.98 -12.15
CA TYR A 49 4.39 2.33 -12.35
C TYR A 49 4.69 3.77 -12.77
N GLY A 50 3.73 4.46 -13.38
CA GLY A 50 3.97 5.80 -13.89
C GLY A 50 4.30 6.81 -12.81
N TYR A 51 3.89 6.55 -11.56
CA TYR A 51 4.26 7.43 -10.46
C TYR A 51 5.77 7.67 -10.36
N ALA A 52 6.58 6.66 -10.71
CA ALA A 52 8.03 6.74 -10.56
C ALA A 52 8.68 7.56 -11.66
N SER A 53 7.90 8.00 -12.67
CA SER A 53 8.39 8.93 -13.69
CA SER A 53 8.38 8.93 -13.69
C SER A 53 8.34 10.38 -13.20
N LYS A 54 7.68 10.64 -12.08
CA LYS A 54 7.68 11.97 -11.46
C LYS A 54 8.86 12.06 -10.51
N THR A 55 9.16 13.26 -10.02
CA THR A 55 10.30 13.46 -9.14
C THR A 55 10.15 12.63 -7.86
N LYS A 56 11.22 11.89 -7.54
CA LYS A 56 11.29 11.16 -6.28
C LYS A 56 11.71 12.16 -5.19
N LEU A 57 10.90 12.26 -4.16
CA LEU A 57 11.07 13.19 -3.07
C LEU A 57 12.02 12.68 -1.98
N GLY A 58 12.01 11.36 -1.75
CA GLY A 58 12.82 10.77 -0.70
C GLY A 58 12.21 9.43 -0.33
N SER A 59 12.67 8.91 0.80
CA SER A 59 12.27 7.59 1.24
C SER A 59 12.53 7.39 2.72
N VAL A 60 11.82 6.40 3.26
CA VAL A 60 12.04 5.92 4.64
CA VAL A 60 12.09 5.93 4.61
C VAL A 60 11.94 4.41 4.59
N GLY A 61 12.74 3.73 5.40
CA GLY A 61 12.70 2.28 5.47
C GLY A 61 12.21 1.78 6.80
N GLY A 62 12.02 0.47 6.86
CA GLY A 62 11.76 -0.20 8.13
C GLY A 62 10.39 0.07 8.72
N GLN A 63 9.39 0.34 7.88
CA GLN A 63 8.07 0.77 8.37
C GLN A 63 7.14 -0.43 8.52
N THR A 64 6.62 -0.62 9.74
CA THR A 64 5.70 -1.71 10.01
C THR A 64 4.25 -1.26 10.20
N ASP A 65 4.05 -0.02 10.60
CA ASP A 65 2.72 0.58 10.73
C ASP A 65 2.46 1.31 9.42
N ILE A 66 1.61 0.73 8.58
CA ILE A 66 1.50 1.12 7.18
C ILE A 66 0.19 1.82 6.78
N SER A 67 -0.79 1.91 7.66
CA SER A 67 -1.98 2.66 7.35
C SER A 67 -1.71 4.15 7.26
N ILE A 68 -2.54 4.81 6.44
CA ILE A 68 -2.47 6.27 6.33
CA ILE A 68 -2.51 6.26 6.22
C ILE A 68 -3.70 6.89 6.97
N ASP A 69 -3.45 7.89 7.80
CA ASP A 69 -4.53 8.66 8.44
C ASP A 69 -4.06 10.10 8.64
N TYR A 70 -4.08 10.87 7.56
CA TYR A 70 -3.58 12.22 7.52
C TYR A 70 -4.77 13.17 7.63
N ASN A 71 -4.68 14.07 8.62
CA ASN A 71 -5.69 15.10 8.90
C ASN A 71 -5.06 16.49 8.73
N ILE A 72 -5.70 17.37 7.96
CA ILE A 72 -5.20 18.71 7.78
C ILE A 72 -5.32 19.53 9.07
N PRO A 73 -4.53 20.60 9.19
CA PRO A 73 -4.63 21.49 10.32
C PRO A 73 -5.91 22.31 10.32
N CYS A 74 -6.37 22.62 11.51
CA CYS A 74 -7.34 23.70 11.74
C CYS A 74 -6.61 24.77 12.55
N VAL A 75 -6.46 25.95 11.94
CA VAL A 75 -5.87 27.11 12.59
C VAL A 75 -6.99 27.80 13.34
N SER A 76 -7.04 27.55 14.65
CA SER A 76 -8.21 27.82 15.52
C SER A 76 -7.85 28.86 16.54
N SER A 77 -8.86 29.29 17.29
CA SER A 77 -8.64 30.28 18.37
C SER A 77 -7.63 29.85 19.42
N SER A 78 -7.47 28.55 19.61
CA SER A 78 -6.60 28.04 20.67
C SER A 78 -5.26 27.48 20.16
N GLY A 79 -4.98 27.63 18.86
CA GLY A 79 -3.76 27.10 18.24
C GLY A 79 -4.07 26.27 17.01
N THR A 80 -3.06 25.59 16.48
CA THR A 80 -3.18 24.82 15.26
C THR A 80 -3.14 23.34 15.60
N PHE A 81 -4.20 22.61 15.29
CA PHE A 81 -4.35 21.21 15.64
C PHE A 81 -4.96 20.46 14.48
N PRO A 82 -4.64 19.16 14.33
CA PRO A 82 -5.18 18.37 13.22
C PRO A 82 -6.69 18.13 13.38
N CYS A 83 -7.44 18.20 12.30
CA CYS A 83 -8.88 18.02 12.39
C CYS A 83 -9.29 16.67 11.77
N PRO A 84 -9.86 15.77 12.58
CA PRO A 84 -10.44 14.56 11.98
C PRO A 84 -11.53 14.94 10.95
N GLN A 85 -11.57 14.32 9.78
CA GLN A 85 -12.46 14.79 8.73
CA GLN A 85 -12.48 14.82 8.74
C GLN A 85 -13.93 14.78 9.18
N GLU A 86 -14.30 13.78 9.98
CA GLU A 86 -15.68 13.67 10.44
C GLU A 86 -16.08 14.80 11.38
N ASP A 87 -15.10 15.49 11.95
CA ASP A 87 -15.32 16.62 12.85
C ASP A 87 -15.30 17.96 12.13
N SER A 88 -14.98 17.97 10.84
CA SER A 88 -15.04 19.21 10.07
C SER A 88 -16.50 19.54 9.76
N TYR A 89 -16.81 20.82 9.76
CA TYR A 89 -18.18 21.26 9.51
C TYR A 89 -18.18 22.66 8.93
N GLY A 90 -19.31 23.06 8.39
CA GLY A 90 -19.46 24.44 7.90
C GLY A 90 -18.43 24.82 6.85
N ASN A 91 -17.97 26.07 6.88
CA ASN A 91 -17.09 26.56 5.88
CA ASN A 91 -17.06 26.55 5.83
C ASN A 91 -15.91 27.40 6.37
N TRP A 92 -15.10 26.92 7.33
CA TRP A 92 -15.21 25.63 8.02
C TRP A 92 -14.70 25.76 9.43
N GLY A 93 -15.13 24.81 10.26
CA GLY A 93 -14.69 24.67 11.63
C GLY A 93 -14.40 23.22 11.91
N CYS A 94 -13.86 22.99 13.10
CA CYS A 94 -13.55 21.64 13.56
C CYS A 94 -14.14 21.46 14.96
N LYS A 95 -14.98 20.44 15.15
CA LYS A 95 -15.69 20.26 16.41
CA LYS A 95 -15.69 20.22 16.42
C LYS A 95 -14.74 20.27 17.60
N GLY A 96 -15.05 21.15 18.55
CA GLY A 96 -14.22 21.33 19.72
C GLY A 96 -13.15 22.41 19.57
N MET A 97 -13.06 23.03 18.40
CA MET A 97 -12.03 24.03 18.11
C MET A 97 -12.61 25.36 17.62
N GLY A 98 -13.88 25.38 17.22
CA GLY A 98 -14.47 26.57 16.61
C GLY A 98 -14.10 26.69 15.12
N ALA A 99 -14.22 27.90 14.61
CA ALA A 99 -13.96 28.15 13.20
C ALA A 99 -12.47 28.09 12.90
N CYS A 100 -12.13 27.58 11.72
CA CYS A 100 -10.75 27.49 11.28
C CYS A 100 -10.47 28.61 10.29
N SER A 101 -9.37 29.33 10.42
CA SER A 101 -9.09 30.44 9.52
C SER A 101 -8.39 30.07 8.22
N ASN A 102 -7.85 28.87 8.15
CA ASN A 102 -7.04 28.41 7.03
C ASN A 102 -7.85 27.70 5.96
N SER A 103 -7.28 27.59 4.78
CA SER A 103 -7.93 26.99 3.64
C SER A 103 -7.77 25.48 3.63
N GLN A 104 -8.83 24.77 3.27
CA GLN A 104 -8.74 23.35 2.96
C GLN A 104 -8.10 23.02 1.61
N GLY A 105 -7.83 24.03 0.81
CA GLY A 105 -7.42 23.85 -0.58
C GLY A 105 -5.96 24.17 -0.90
N ILE A 106 -5.13 24.38 0.12
CA ILE A 106 -3.69 24.61 -0.05
C ILE A 106 -2.89 23.37 0.38
N ALA A 107 -1.63 23.33 -0.02
CA ALA A 107 -0.72 22.29 0.44
C ALA A 107 -0.33 22.55 1.91
N TYR A 108 -0.11 21.47 2.66
CA TYR A 108 0.42 21.51 4.01
C TYR A 108 1.60 20.59 4.14
N TRP A 109 2.57 21.01 4.94
CA TRP A 109 3.83 20.26 5.17
C TRP A 109 3.78 19.64 6.57
N SER A 110 4.20 18.39 6.66
CA SER A 110 4.11 17.63 7.87
C SER A 110 4.98 16.37 7.75
N THR A 111 5.35 15.82 8.89
CA THR A 111 5.98 14.50 8.96
C THR A 111 4.99 13.37 9.27
N ASP A 112 3.70 13.62 9.15
CA ASP A 112 2.69 12.59 9.51
CA ASP A 112 2.71 12.59 9.53
C ASP A 112 2.84 11.28 8.74
N LEU A 113 3.29 11.33 7.48
CA LEU A 113 3.50 10.11 6.70
C LEU A 113 4.89 9.56 7.01
N PHE A 114 4.95 8.60 7.93
N PHE A 114 4.89 8.70 8.02
CA PHE A 114 6.17 7.80 8.16
CA PHE A 114 6.00 7.80 8.37
C PHE A 114 7.35 8.63 8.65
C PHE A 114 7.27 8.54 8.81
N GLY A 115 7.09 9.80 9.24
CA GLY A 115 8.15 10.64 9.73
C GLY A 115 8.89 11.45 8.67
N PHE A 116 8.47 11.30 7.42
CA PHE A 116 9.13 11.97 6.32
C PHE A 116 8.48 13.33 6.07
N TYR A 117 9.27 14.39 6.04
CA TYR A 117 8.75 15.73 5.86
C TYR A 117 8.42 15.99 4.40
N THR A 118 7.13 16.13 4.12
CA THR A 118 6.62 16.32 2.78
C THR A 118 5.27 17.01 2.85
N THR A 119 4.53 17.01 1.74
CA THR A 119 3.17 17.55 1.64
C THR A 119 2.16 16.41 1.60
N PRO A 120 1.62 15.97 2.75
CA PRO A 120 0.71 14.82 2.71
C PRO A 120 -0.60 15.10 1.98
N THR A 121 -0.94 16.38 1.81
CA THR A 121 -2.07 16.80 1.01
C THR A 121 -1.98 16.37 -0.45
N ASN A 122 -0.74 16.21 -0.95
CA ASN A 122 -0.54 16.03 -2.38
C ASN A 122 0.79 15.30 -2.57
N VAL A 123 0.70 13.98 -2.74
CA VAL A 123 1.86 13.12 -2.80
C VAL A 123 1.43 11.73 -3.25
N THR A 124 2.35 10.97 -3.85
CA THR A 124 2.16 9.56 -4.12
C THR A 124 3.24 8.79 -3.36
N LEU A 125 2.86 7.70 -2.72
CA LEU A 125 3.88 6.89 -2.14
CA LEU A 125 3.71 6.82 -1.88
C LEU A 125 3.74 5.44 -2.54
N GLU A 126 4.90 4.78 -2.54
CA GLU A 126 5.03 3.38 -2.91
C GLU A 126 5.62 2.66 -1.71
N MET A 127 4.88 1.69 -1.20
CA MET A 127 5.34 0.83 -0.10
C MET A 127 5.73 -0.51 -0.73
N THR A 128 6.95 -0.99 -0.44
CA THR A 128 7.39 -2.29 -0.92
C THR A 128 7.99 -3.09 0.20
N GLY A 129 7.84 -4.39 0.07
CA GLY A 129 8.43 -5.34 1.00
C GLY A 129 7.90 -6.73 0.67
N TYR A 130 8.06 -7.65 1.61
CA TYR A 130 7.65 -9.04 1.41
C TYR A 130 6.76 -9.38 2.60
N PHE A 131 5.62 -10.00 2.29
CA PHE A 131 4.71 -10.51 3.29
C PHE A 131 5.05 -11.97 3.57
N LEU A 132 5.24 -12.29 4.85
CA LEU A 132 5.61 -13.64 5.31
C LEU A 132 4.39 -14.27 6.00
N PRO A 133 3.69 -15.18 5.33
CA PRO A 133 2.58 -15.84 5.98
C PRO A 133 3.06 -16.80 7.06
N PRO A 134 2.49 -16.75 8.28
CA PRO A 134 2.82 -17.74 9.30
C PRO A 134 2.04 -19.03 9.14
N GLN A 135 0.95 -18.97 8.39
CA GLN A 135 -0.07 -20.05 8.22
CA GLN A 135 0.11 -20.12 8.22
C GLN A 135 -0.32 -20.23 6.75
N THR A 136 -0.46 -21.46 6.28
CA THR A 136 -0.92 -21.70 4.91
C THR A 136 -2.44 -21.51 4.81
N GLY A 137 -2.90 -20.77 3.81
CA GLY A 137 -4.31 -20.60 3.57
C GLY A 137 -4.62 -19.30 2.87
N SER A 138 -5.90 -18.95 2.90
CA SER A 138 -6.40 -17.77 2.22
CA SER A 138 -6.41 -17.74 2.22
C SER A 138 -6.26 -16.53 3.11
N TYR A 139 -5.63 -15.50 2.57
CA TYR A 139 -5.45 -14.21 3.22
C TYR A 139 -6.29 -13.20 2.47
N THR A 140 -7.09 -12.41 3.20
CA THR A 140 -7.91 -11.37 2.57
C THR A 140 -7.42 -10.00 2.99
N PHE A 141 -6.79 -9.29 2.05
CA PHE A 141 -6.31 -7.94 2.27
C PHE A 141 -7.48 -6.97 2.04
N SER A 142 -7.49 -5.86 2.77
CA SER A 142 -8.54 -4.88 2.58
CA SER A 142 -8.58 -4.90 2.68
C SER A 142 -8.09 -3.47 2.85
N PHE A 143 -8.76 -2.56 2.16
CA PHE A 143 -8.73 -1.14 2.48
C PHE A 143 -10.11 -0.77 3.03
N ALA A 144 -10.18 -0.22 4.23
CA ALA A 144 -11.51 0.11 4.79
C ALA A 144 -12.19 1.22 4.01
N THR A 145 -11.38 2.13 3.48
CA THR A 145 -11.79 3.22 2.61
C THR A 145 -10.53 3.68 1.89
N VAL A 146 -10.68 4.57 0.90
CA VAL A 146 -9.56 5.09 0.12
C VAL A 146 -9.80 6.57 -0.14
N ASP A 147 -8.84 7.42 0.28
CA ASP A 147 -8.89 8.85 -0.03
C ASP A 147 -7.44 9.27 -0.32
N ASP A 148 -7.02 9.43 -1.59
CA ASP A 148 -7.84 9.49 -2.82
C ASP A 148 -7.81 8.22 -3.69
N SER A 149 -6.65 7.61 -3.90
CA SER A 149 -6.48 6.52 -4.90
CA SER A 149 -6.61 6.42 -4.73
C SER A 149 -5.45 5.55 -4.36
N ALA A 150 -5.65 4.26 -4.57
CA ALA A 150 -4.68 3.27 -4.10
C ALA A 150 -4.82 1.93 -4.77
N ILE A 151 -3.71 1.20 -4.82
CA ILE A 151 -3.73 -0.20 -5.23
C ILE A 151 -2.89 -0.98 -4.22
N LEU A 152 -3.18 -2.28 -4.18
CA LEU A 152 -2.33 -3.23 -3.45
C LEU A 152 -2.12 -4.42 -4.39
N SER A 153 -0.86 -4.86 -4.51
CA SER A 153 -0.50 -6.00 -5.32
C SER A 153 0.35 -6.96 -4.52
N VAL A 154 0.08 -8.24 -4.72
CA VAL A 154 0.80 -9.32 -4.03
C VAL A 154 1.26 -10.34 -5.05
N GLY A 155 2.53 -10.69 -4.94
CA GLY A 155 3.09 -11.79 -5.71
C GLY A 155 4.26 -11.41 -6.58
N GLY A 156 5.15 -12.36 -6.77
CA GLY A 156 6.23 -12.17 -7.73
C GLY A 156 5.64 -11.91 -9.09
N SER A 157 6.27 -10.98 -9.82
CA SER A 157 5.83 -10.56 -11.14
C SER A 157 4.52 -9.80 -11.15
N ILE A 158 4.01 -9.45 -9.98
CA ILE A 158 2.78 -8.66 -9.84
C ILE A 158 3.10 -7.42 -9.01
N ALA A 159 3.59 -7.60 -7.79
CA ALA A 159 4.07 -6.48 -6.98
C ALA A 159 5.42 -5.95 -7.47
N PHE A 160 6.39 -6.88 -7.63
CA PHE A 160 7.74 -6.62 -8.12
C PHE A 160 8.38 -8.01 -8.34
N GLU A 161 9.63 -8.03 -8.80
CA GLU A 161 10.33 -9.29 -9.06
C GLU A 161 11.09 -9.74 -7.82
N CYS A 162 11.08 -11.05 -7.59
CA CYS A 162 11.80 -11.64 -6.46
CA CYS A 162 11.76 -11.58 -6.43
C CYS A 162 13.24 -11.19 -6.38
N CYS A 163 13.69 -10.86 -5.19
CA CYS A 163 15.08 -10.41 -4.94
C CYS A 163 15.42 -9.12 -5.65
N ALA A 164 14.40 -8.36 -6.06
CA ALA A 164 14.59 -7.12 -6.79
C ALA A 164 13.64 -6.01 -6.27
N GLN A 165 13.52 -5.97 -4.96
CA GLN A 165 12.62 -5.02 -4.29
C GLN A 165 12.91 -3.56 -4.62
N GLU A 166 14.18 -3.23 -4.82
CA GLU A 166 14.62 -1.84 -4.98
C GLU A 166 14.60 -1.35 -6.42
N GLN A 167 14.21 -2.19 -7.38
CA GLN A 167 14.25 -1.82 -8.81
C GLN A 167 13.11 -0.87 -9.17
N PRO A 168 13.20 -0.21 -10.33
CA PRO A 168 12.06 0.58 -10.77
C PRO A 168 10.83 -0.32 -10.85
N PRO A 169 9.64 0.27 -10.75
CA PRO A 169 8.45 -0.56 -10.71
C PRO A 169 8.21 -1.32 -12.00
N ILE A 170 7.64 -2.52 -11.86
CA ILE A 170 7.22 -3.32 -12.99
C ILE A 170 5.87 -2.87 -13.49
N THR A 171 5.47 -3.32 -14.68
CA THR A 171 4.32 -2.76 -15.33
C THR A 171 3.00 -3.47 -15.10
N SER A 172 2.98 -4.53 -14.28
CA SER A 172 1.76 -5.28 -14.05
C SER A 172 0.64 -4.41 -13.47
N THR A 173 -0.53 -4.50 -14.08
CA THR A 173 -1.73 -3.88 -13.58
C THR A 173 -2.70 -4.94 -13.03
N ASN A 174 -2.19 -6.14 -12.73
CA ASN A 174 -3.03 -7.22 -12.18
C ASN A 174 -3.18 -7.05 -10.66
N PHE A 175 -3.81 -5.95 -10.26
CA PHE A 175 -3.86 -5.57 -8.84
C PHE A 175 -4.64 -6.57 -8.01
N THR A 176 -4.18 -6.79 -6.79
CA THR A 176 -4.90 -7.57 -5.81
C THR A 176 -6.11 -6.80 -5.26
N ILE A 177 -5.88 -5.53 -4.94
CA ILE A 177 -6.97 -4.59 -4.66
C ILE A 177 -6.83 -3.42 -5.61
N ASN A 178 -7.86 -3.18 -6.42
CA ASN A 178 -7.96 -2.00 -7.27
C ASN A 178 -8.81 -0.98 -6.52
N GLY A 179 -8.14 -0.02 -5.90
CA GLY A 179 -8.79 1.11 -5.25
C GLY A 179 -8.55 2.43 -6.00
N ILE A 180 -8.38 2.33 -7.33
CA ILE A 180 -8.12 3.51 -8.16
CA ILE A 180 -8.14 3.49 -8.19
C ILE A 180 -9.36 4.39 -8.18
N LYS A 181 -9.18 5.70 -8.03
CA LYS A 181 -10.31 6.63 -8.02
C LYS A 181 -10.99 6.60 -9.36
N PRO A 182 -12.30 6.25 -9.40
CA PRO A 182 -13.02 6.29 -10.67
C PRO A 182 -13.06 7.69 -11.28
N TRP A 183 -13.13 7.71 -12.60
CA TRP A 183 -13.23 8.97 -13.36
C TRP A 183 -14.51 9.75 -13.03
N ASP A 184 -15.59 9.03 -12.70
CA ASP A 184 -16.87 9.63 -12.32
C ASP A 184 -16.95 10.00 -10.84
N GLY A 185 -15.83 9.84 -10.11
CA GLY A 185 -15.85 9.92 -8.66
C GLY A 185 -16.60 8.71 -8.12
N SER A 186 -16.88 8.71 -6.83
CA SER A 186 -17.59 7.58 -6.19
C SER A 186 -16.59 6.51 -5.78
N LEU A 187 -17.09 5.44 -5.17
N LEU A 187 -17.10 5.46 -5.10
CA LEU A 187 -16.23 4.36 -4.65
CA LEU A 187 -16.37 4.19 -4.83
C LEU A 187 -15.78 3.41 -5.75
C LEU A 187 -16.37 3.70 -3.38
N PRO A 188 -14.55 2.89 -5.62
N PRO A 188 -15.93 4.56 -2.44
CA PRO A 188 -14.14 1.77 -6.47
CA PRO A 188 -15.42 4.09 -1.14
C PRO A 188 -15.08 0.59 -6.22
C PRO A 188 -16.43 3.39 -0.23
N ASP A 189 -15.12 -0.35 -7.16
N ASP A 189 -16.35 2.06 -0.20
CA ASP A 189 -16.05 -1.48 -7.08
CA ASP A 189 -16.71 1.28 0.96
C ASP A 189 -15.76 -2.41 -5.91
C ASP A 189 -15.52 0.36 1.16
N ASN A 190 -14.49 -2.67 -5.64
N ASN A 190 -15.66 -0.64 2.03
CA ASN A 190 -14.12 -3.63 -4.60
CA ASN A 190 -14.64 -1.67 2.21
C ASN A 190 -12.75 -3.29 -4.01
C ASN A 190 -14.33 -2.35 0.87
N ILE A 191 -12.72 -3.02 -2.70
N ILE A 191 -13.05 -2.48 0.54
CA ILE A 191 -11.45 -2.65 -2.06
CA ILE A 191 -12.60 -3.13 -0.72
C ILE A 191 -10.92 -3.78 -1.15
C ILE A 191 -11.59 -4.23 -0.39
N THR A 192 -11.19 -5.02 -1.58
N THR A 192 -11.72 -5.39 -1.03
CA THR A 192 -10.68 -6.22 -0.88
CA THR A 192 -10.85 -6.52 -0.69
C THR A 192 -10.26 -7.29 -1.90
C THR A 192 -10.20 -7.22 -1.89
N GLY A 193 -9.23 -8.07 -1.56
CA GLY A 193 -8.65 -9.01 -2.49
C GLY A 193 -8.05 -10.16 -1.70
N THR A 194 -8.20 -11.36 -2.23
CA THR A 194 -7.71 -12.55 -1.52
CA THR A 194 -7.76 -12.58 -1.54
C THR A 194 -6.59 -13.24 -2.27
N VAL A 195 -5.63 -13.74 -1.51
CA VAL A 195 -4.46 -14.46 -2.04
CA VAL A 195 -4.54 -14.51 -2.09
C VAL A 195 -4.29 -15.73 -1.21
N TYR A 196 -4.07 -16.86 -1.88
CA TYR A 196 -3.75 -18.12 -1.17
C TYR A 196 -2.24 -18.16 -1.00
N MET A 197 -1.76 -18.28 0.22
CA MET A 197 -0.32 -18.23 0.48
CA MET A 197 -0.33 -18.20 0.53
C MET A 197 0.12 -19.43 1.31
N TYR A 198 1.35 -19.87 1.04
CA TYR A 198 2.00 -21.00 1.73
C TYR A 198 2.97 -20.48 2.77
N ALA A 199 2.86 -21.00 3.99
CA ALA A 199 3.66 -20.59 5.12
C ALA A 199 5.15 -20.61 4.81
N GLY A 200 5.86 -19.57 5.23
CA GLY A 200 7.30 -19.56 5.16
C GLY A 200 7.91 -19.04 3.87
N TYR A 201 7.10 -18.81 2.84
CA TYR A 201 7.58 -18.19 1.61
C TYR A 201 7.36 -16.68 1.72
N TYR A 202 8.20 -15.90 1.06
CA TYR A 202 8.12 -14.44 1.09
C TYR A 202 7.39 -13.96 -0.16
N TYR A 203 6.27 -13.25 0.03
CA TYR A 203 5.43 -12.81 -1.08
C TYR A 203 5.64 -11.32 -1.30
N PRO A 204 6.17 -10.92 -2.47
CA PRO A 204 6.29 -9.50 -2.78
C PRO A 204 4.97 -8.78 -2.56
N LEU A 205 5.04 -7.60 -1.93
CA LEU A 205 3.86 -6.78 -1.60
CA LEU A 205 3.88 -6.80 -1.62
C LEU A 205 4.18 -5.34 -1.99
N LYS A 206 3.27 -4.74 -2.74
CA LYS A 206 3.37 -3.36 -3.12
C LYS A 206 2.04 -2.65 -2.83
N VAL A 207 2.10 -1.47 -2.21
CA VAL A 207 0.97 -0.58 -2.06
C VAL A 207 1.38 0.75 -2.68
N VAL A 208 0.54 1.26 -3.58
CA VAL A 208 0.72 2.60 -4.14
C VAL A 208 -0.48 3.42 -3.72
N TYR A 209 -0.23 4.60 -3.18
CA TYR A 209 -1.26 5.46 -2.57
C TYR A 209 -1.05 6.89 -3.04
N SER A 210 -2.13 7.58 -3.40
CA SER A 210 -2.08 8.99 -3.77
CA SER A 210 -2.06 8.97 -3.76
C SER A 210 -3.12 9.81 -3.04
N ASN A 211 -2.72 11.01 -2.63
CA ASN A 211 -3.61 12.05 -2.14
C ASN A 211 -3.42 13.26 -3.05
N ALA A 212 -4.52 13.88 -3.45
CA ALA A 212 -4.51 15.10 -4.26
C ALA A 212 -4.83 16.38 -3.48
N VAL A 213 -5.59 16.26 -2.39
CA VAL A 213 -5.94 17.42 -1.63
C VAL A 213 -6.38 16.99 -0.24
N SER A 214 -6.20 17.89 0.71
CA SER A 214 -6.66 17.77 2.09
C SER A 214 -6.44 16.37 2.70
N TRP A 215 -7.49 15.76 3.21
CA TRP A 215 -7.35 14.54 4.00
C TRP A 215 -6.82 13.37 3.18
N GLY A 216 -6.09 12.49 3.84
CA GLY A 216 -5.62 11.27 3.24
C GLY A 216 -5.93 10.11 4.14
N THR A 217 -6.49 9.03 3.59
CA THR A 217 -6.92 7.91 4.41
C THR A 217 -6.75 6.60 3.65
N LEU A 218 -6.11 5.63 4.30
CA LEU A 218 -5.92 4.29 3.74
C LEU A 218 -5.71 3.31 4.91
N PRO A 219 -6.81 2.77 5.47
CA PRO A 219 -6.69 1.83 6.60
C PRO A 219 -6.53 0.44 6.04
N ILE A 220 -5.33 -0.12 6.21
CA ILE A 220 -4.97 -1.41 5.61
C ILE A 220 -5.09 -2.53 6.64
N SER A 221 -5.71 -3.65 6.25
CA SER A 221 -5.87 -4.83 7.12
CA SER A 221 -5.78 -4.82 7.13
C SER A 221 -5.67 -6.10 6.31
N VAL A 222 -5.44 -7.19 7.02
CA VAL A 222 -5.45 -8.51 6.42
C VAL A 222 -6.14 -9.49 7.38
N GLU A 223 -7.02 -10.31 6.82
CA GLU A 223 -7.62 -11.42 7.55
C GLU A 223 -6.81 -12.68 7.27
N LEU A 224 -6.37 -13.30 8.35
CA LEU A 224 -5.53 -14.51 8.27
C LEU A 224 -6.39 -15.76 8.07
N PRO A 225 -5.76 -16.87 7.68
CA PRO A 225 -6.50 -18.13 7.56
C PRO A 225 -7.29 -18.52 8.80
N ASP A 226 -6.77 -18.21 9.98
CA ASP A 226 -7.44 -18.58 11.24
C ASP A 226 -8.61 -17.66 11.57
N GLY A 227 -8.89 -16.68 10.71
CA GLY A 227 -10.05 -15.79 10.86
C GLY A 227 -9.77 -14.51 11.62
N THR A 228 -8.60 -14.39 12.23
CA THR A 228 -8.23 -13.16 12.93
C THR A 228 -7.82 -12.09 11.91
N THR A 229 -7.92 -10.83 12.32
CA THR A 229 -7.57 -9.69 11.46
C THR A 229 -6.43 -8.93 12.09
N VAL A 230 -5.45 -8.58 11.24
CA VAL A 230 -4.35 -7.70 11.61
C VAL A 230 -4.59 -6.37 10.89
N SER A 231 -4.65 -5.28 11.65
CA SER A 231 -4.93 -3.96 11.12
C SER A 231 -3.79 -2.98 11.46
N ASP A 232 -3.35 -2.24 10.45
CA ASP A 232 -2.43 -1.10 10.58
C ASP A 232 -0.98 -1.51 10.85
N ASN A 233 -0.75 -2.20 11.97
CA ASN A 233 0.58 -2.58 12.41
C ASN A 233 0.86 -4.01 11.92
N PHE A 234 1.72 -4.13 10.92
CA PHE A 234 2.05 -5.41 10.28
C PHE A 234 3.39 -5.95 10.76
N GLU A 235 3.88 -5.49 11.92
CA GLU A 235 5.11 -6.01 12.50
C GLU A 235 5.00 -7.54 12.66
N GLY A 236 6.04 -8.25 12.21
CA GLY A 236 6.05 -9.71 12.23
C GLY A 236 5.60 -10.32 10.93
N TYR A 237 5.00 -9.53 10.05
CA TYR A 237 4.49 -9.99 8.78
C TYR A 237 5.20 -9.40 7.55
N VAL A 238 5.81 -8.23 7.68
CA VAL A 238 6.40 -7.55 6.54
C VAL A 238 7.90 -7.27 6.77
N TYR A 239 8.67 -7.53 5.70
CA TYR A 239 10.12 -7.48 5.73
C TYR A 239 10.66 -6.93 4.43
N SER A 240 11.90 -6.46 4.46
CA SER A 240 12.60 -5.98 3.29
C SER A 240 13.92 -6.77 3.16
N PHE A 241 14.38 -6.88 1.92
CA PHE A 241 15.70 -7.44 1.60
C PHE A 241 16.33 -6.54 0.56
N ASP A 242 17.62 -6.21 0.75
CA ASP A 242 18.37 -5.50 -0.29
C ASP A 242 18.37 -6.34 -1.57
N ASP A 243 18.36 -5.70 -2.73
CA ASP A 243 18.40 -6.42 -4.00
C ASP A 243 19.55 -7.42 -4.05
N ASP A 244 19.27 -8.58 -4.63
CA ASP A 244 20.31 -9.49 -5.05
C ASP A 244 19.88 -10.16 -6.35
N LEU A 245 20.18 -9.47 -7.44
CA LEU A 245 19.80 -9.93 -8.76
C LEU A 245 20.57 -11.16 -9.24
N SER A 246 21.60 -11.57 -8.49
CA SER A 246 22.40 -12.73 -8.83
CA SER A 246 22.39 -12.73 -8.83
C SER A 246 21.97 -14.00 -8.10
N GLN A 247 20.98 -13.93 -7.22
CA GLN A 247 20.54 -15.12 -6.49
C GLN A 247 19.63 -15.96 -7.37
N SER A 248 20.21 -16.97 -8.01
CA SER A 248 19.54 -17.68 -9.11
C SER A 248 18.25 -18.39 -8.69
N ASN A 249 18.23 -18.95 -7.49
CA ASN A 249 17.12 -19.77 -7.03
C ASN A 249 16.04 -18.98 -6.30
N CYS A 250 16.07 -17.65 -6.34
CA CYS A 250 15.22 -16.81 -5.48
CA CYS A 250 15.23 -16.86 -5.46
C CYS A 250 13.73 -16.93 -5.77
N THR A 251 13.34 -17.09 -7.02
CA THR A 251 11.93 -17.11 -7.42
C THR A 251 11.38 -18.52 -7.32
N ILE A 252 10.21 -18.60 -6.69
CA ILE A 252 9.47 -19.86 -6.50
C ILE A 252 8.16 -19.73 -7.27
N PRO A 253 8.15 -20.19 -8.53
CA PRO A 253 6.97 -19.95 -9.36
CA PRO A 253 6.94 -19.92 -9.31
C PRO A 253 5.70 -20.64 -8.84
N ASP A 254 5.86 -21.75 -8.13
CA ASP A 254 4.72 -22.49 -7.63
C ASP A 254 5.05 -23.06 -6.24
N PRO A 255 4.79 -22.30 -5.20
CA PRO A 255 5.12 -22.76 -3.85
C PRO A 255 4.43 -24.07 -3.43
N SER A 256 3.36 -24.51 -4.03
N SER A 256 3.25 -24.19 -4.11
CA SER A 256 2.80 -25.78 -3.54
CA SER A 256 2.18 -25.23 -3.98
C SER A 256 3.60 -27.03 -3.94
C SER A 256 2.71 -26.59 -4.32
N ILE A 257 4.51 -26.91 -4.90
N ILE A 257 3.80 -26.62 -5.10
CA ILE A 257 5.28 -28.05 -5.31
CA ILE A 257 4.50 -27.88 -5.37
C ILE A 257 6.79 -27.86 -5.01
C ILE A 257 5.96 -27.88 -4.92
N HIS A 258 7.13 -26.78 -4.33
N HIS A 258 6.53 -26.69 -4.67
CA HIS A 258 8.54 -26.49 -4.05
CA HIS A 258 7.94 -26.55 -4.34
C HIS A 258 9.18 -27.47 -3.06
C HIS A 258 8.31 -27.22 -3.02
#